data_2IY1
#
_entry.id   2IY1
#
_cell.length_a   141.232
_cell.length_b   141.232
_cell.length_c   98.964
_cell.angle_alpha   90.00
_cell.angle_beta   90.00
_cell.angle_gamma   90.00
#
_symmetry.space_group_name_H-M   'P 43 21 2'
#
loop_
_entity.id
_entity.type
_entity.pdbx_description
1 polymer 'SENTRIN-SPECIFIC PROTEASE 1'
2 polymer 'SMALL UBIQUITIN-RELATED MODIFIER 1'
3 water water
#
loop_
_entity_poly.entity_id
_entity_poly.type
_entity_poly.pdbx_seq_one_letter_code
_entity_poly.pdbx_strand_id
1 'polypeptide(L)'
;EFPEITEEMEKEIKNVFRNGNQDEVLSEAFRLTITRKDIQTLNHLNWLNDEIINFYMNMLMERSKEKGLPSVHAFNTFFF
TKLKTAGYQAVKRWTKKVDVFSVDILLVPIHLGVHWCLAVVDFRKKNITYYDSMGGINNEACRILLQYLKQESIDKKRKE
FDTNGWQLFSKKSQEIPQQMNGSDAGMFACKYADCITKDRPINFTQQHMPYFRKRMVWEILHRKLL
;
A,C
2 'polypeptide(L)'
;EYIKLKVIGQDSSEIHFKVKMTTHLKKLKESYCQRQGVPMNSLRFLFEGQRIADNHTPKELGMEEEDVIEVYQEQTGGHS
TVC
;
B,D
#
# COMPACT_ATOMS: atom_id res chain seq x y z
N GLU A 1 55.93 -35.33 8.90
CA GLU A 1 56.89 -35.27 7.76
C GLU A 1 56.04 -35.04 6.52
N PHE A 2 56.67 -34.98 5.34
CA PHE A 2 55.89 -35.12 4.11
C PHE A 2 56.38 -36.37 3.44
N PRO A 3 55.96 -37.56 3.94
CA PRO A 3 56.46 -38.81 3.36
C PRO A 3 56.17 -38.91 1.86
N GLU A 4 57.11 -39.52 1.17
CA GLU A 4 57.14 -39.60 -0.28
C GLU A 4 56.03 -40.49 -0.82
N ILE A 5 55.41 -40.08 -1.93
CA ILE A 5 54.58 -41.01 -2.69
C ILE A 5 55.49 -41.93 -3.53
N THR A 6 55.57 -43.20 -3.15
CA THR A 6 56.44 -44.19 -3.83
C THR A 6 55.92 -44.60 -5.21
N GLU A 7 56.77 -45.27 -5.98
CA GLU A 7 56.40 -45.77 -7.30
C GLU A 7 55.13 -46.61 -7.27
N GLU A 8 55.07 -47.57 -6.36
CA GLU A 8 53.89 -48.46 -6.29
C GLU A 8 52.65 -47.73 -5.80
N MET A 9 52.86 -46.72 -4.97
CA MET A 9 51.77 -45.85 -4.54
C MET A 9 51.13 -45.13 -5.72
N GLU A 10 51.97 -44.48 -6.54
CA GLU A 10 51.57 -43.90 -7.83
C GLU A 10 50.81 -44.89 -8.72
N LYS A 11 51.34 -46.10 -8.87
CA LYS A 11 50.73 -47.15 -9.71
C LYS A 11 49.32 -47.49 -9.22
N GLU A 12 49.14 -47.45 -7.90
CA GLU A 12 47.90 -47.85 -7.28
C GLU A 12 46.87 -46.74 -7.42
N ILE A 13 47.34 -45.49 -7.33
CA ILE A 13 46.50 -44.29 -7.37
C ILE A 13 45.94 -44.05 -8.75
N LYS A 14 46.83 -43.93 -9.74
CA LYS A 14 46.48 -43.84 -11.16
C LYS A 14 45.46 -44.92 -11.57
N ASN A 15 45.52 -46.04 -10.84
CA ASN A 15 44.73 -47.22 -11.12
C ASN A 15 43.26 -47.02 -10.74
N VAL A 16 43.03 -46.36 -9.62
CA VAL A 16 41.67 -46.13 -9.13
C VAL A 16 41.05 -44.84 -9.63
N PHE A 17 41.88 -43.98 -10.23
CA PHE A 17 41.39 -42.80 -10.95
C PHE A 17 40.86 -43.17 -12.32
N ARG A 18 41.20 -44.35 -12.81
CA ARG A 18 40.74 -44.81 -14.13
C ARG A 18 39.23 -44.97 -14.22
N ASN A 19 38.77 -44.98 -15.46
CA ASN A 19 37.46 -45.50 -15.83
C ASN A 19 37.13 -46.84 -15.14
N GLY A 20 35.86 -47.04 -14.80
CA GLY A 20 35.36 -48.31 -14.27
C GLY A 20 33.96 -48.14 -13.75
N ASN A 21 33.39 -49.22 -13.21
CA ASN A 21 32.11 -49.15 -12.50
C ASN A 21 32.14 -48.02 -11.46
N GLN A 22 31.45 -46.93 -11.75
CA GLN A 22 31.35 -45.78 -10.86
C GLN A 22 30.92 -46.13 -9.41
N ASP A 23 30.13 -47.19 -9.24
CA ASP A 23 29.62 -47.61 -7.93
C ASP A 23 30.44 -48.71 -7.24
N GLU A 24 31.49 -49.17 -7.90
CA GLU A 24 32.37 -50.21 -7.35
C GLU A 24 33.00 -49.76 -6.03
N VAL A 25 32.81 -50.58 -5.01
CA VAL A 25 33.42 -50.35 -3.70
C VAL A 25 34.92 -50.58 -3.79
N LEU A 26 35.71 -49.58 -3.40
CA LEU A 26 37.16 -49.70 -3.42
C LEU A 26 37.79 -49.78 -2.02
N SER A 27 37.10 -49.24 -1.02
CA SER A 27 37.58 -49.36 0.35
C SER A 27 36.40 -49.36 1.34
N GLU A 28 36.57 -50.16 2.40
CA GLU A 28 35.52 -50.43 3.35
C GLU A 28 36.06 -50.45 4.76
N ALA A 29 35.43 -49.68 5.63
CA ALA A 29 35.73 -49.61 7.06
C ALA A 29 34.70 -48.74 7.76
N PHE A 30 34.64 -48.86 9.10
CA PHE A 30 33.70 -48.11 9.95
C PHE A 30 32.27 -48.34 9.50
N ARG A 31 32.02 -49.52 8.95
CA ARG A 31 30.81 -49.85 8.20
C ARG A 31 30.36 -48.80 7.19
N LEU A 32 31.34 -48.08 6.61
CA LEU A 32 31.12 -47.17 5.50
C LEU A 32 31.80 -47.69 4.24
N THR A 33 31.37 -47.16 3.12
CA THR A 33 31.87 -47.59 1.85
C THR A 33 32.38 -46.39 1.03
N ILE A 34 33.48 -46.59 0.33
CA ILE A 34 34.05 -45.60 -0.58
C ILE A 34 34.11 -46.22 -1.98
N THR A 35 33.44 -45.56 -2.92
CA THR A 35 33.31 -46.07 -4.27
C THR A 35 34.25 -45.33 -5.22
N ARG A 36 34.39 -45.85 -6.44
CA ARG A 36 35.13 -45.17 -7.51
C ARG A 36 34.62 -43.72 -7.76
N LYS A 37 33.31 -43.49 -7.61
CA LYS A 37 32.75 -42.13 -7.73
C LYS A 37 33.37 -41.19 -6.70
N ASP A 38 33.58 -41.71 -5.50
CA ASP A 38 34.03 -40.93 -4.38
C ASP A 38 35.49 -40.56 -4.55
N ILE A 39 36.26 -41.58 -4.92
CA ILE A 39 37.67 -41.42 -5.22
C ILE A 39 37.90 -40.35 -6.30
N GLN A 40 37.08 -40.35 -7.36
CA GLN A 40 37.18 -39.34 -8.42
C GLN A 40 37.16 -37.88 -7.94
N THR A 41 36.43 -37.60 -6.85
CA THR A 41 36.36 -36.24 -6.32
C THR A 41 37.73 -35.75 -5.77
N LEU A 42 38.61 -36.71 -5.45
CA LEU A 42 40.01 -36.38 -5.18
C LEU A 42 40.87 -36.13 -6.44
N ASN A 43 40.37 -36.50 -7.61
CA ASN A 43 41.10 -36.36 -8.90
C ASN A 43 41.18 -34.89 -9.37
N HIS A 44 42.27 -34.54 -10.05
CA HIS A 44 42.50 -33.18 -10.57
C HIS A 44 42.16 -32.11 -9.51
N LEU A 45 41.18 -31.26 -9.81
CA LEU A 45 40.68 -30.29 -8.85
C LEU A 45 39.17 -30.46 -8.63
N ASN A 46 38.70 -31.70 -8.77
CA ASN A 46 37.32 -32.05 -8.42
C ASN A 46 36.92 -31.69 -6.98
N TRP A 47 35.63 -31.42 -6.80
CA TRP A 47 35.12 -31.03 -5.49
C TRP A 47 34.91 -32.26 -4.61
N LEU A 48 35.63 -32.35 -3.50
CA LEU A 48 35.36 -33.40 -2.51
C LEU A 48 33.88 -33.50 -2.09
N ASN A 49 33.40 -34.74 -2.00
CA ASN A 49 32.06 -35.02 -1.49
C ASN A 49 32.03 -35.46 -0.04
N ASP A 50 30.83 -35.54 0.54
CA ASP A 50 30.70 -35.99 1.94
C ASP A 50 31.34 -37.36 2.29
N GLU A 51 31.39 -38.29 1.34
CA GLU A 51 31.87 -39.66 1.62
C GLU A 51 33.36 -39.67 1.92
N ILE A 52 34.13 -38.95 1.12
CA ILE A 52 35.51 -38.80 1.35
C ILE A 52 35.74 -38.15 2.74
N ILE A 53 35.10 -37.00 2.96
CA ILE A 53 35.31 -36.27 4.19
C ILE A 53 35.01 -37.08 5.44
N ASN A 54 33.78 -37.62 5.53
CA ASN A 54 33.35 -38.44 6.66
C ASN A 54 34.26 -39.65 6.87
N PHE A 55 34.75 -40.20 5.77
CA PHE A 55 35.55 -41.37 5.90
C PHE A 55 36.86 -41.00 6.53
N TYR A 56 37.44 -39.91 6.06
CA TYR A 56 38.70 -39.42 6.55
C TYR A 56 38.54 -39.04 8.00
N MET A 57 37.50 -38.27 8.32
CA MET A 57 37.28 -37.93 9.70
C MET A 57 37.25 -39.18 10.60
N ASN A 58 36.70 -40.29 10.09
CA ASN A 58 36.65 -41.52 10.86
C ASN A 58 38.03 -42.13 11.03
N MET A 59 38.89 -41.95 10.03
CA MET A 59 40.27 -42.41 10.18
C MET A 59 41.00 -41.62 11.27
N LEU A 60 40.77 -40.31 11.31
CA LEU A 60 41.31 -39.45 12.35
C LEU A 60 40.91 -39.95 13.73
N MET A 61 39.62 -40.26 13.87
CA MET A 61 39.07 -40.86 15.08
C MET A 61 39.79 -42.15 15.45
N GLU A 62 40.06 -43.03 14.48
CA GLU A 62 40.75 -44.31 14.76
C GLU A 62 42.11 -44.02 15.34
N ARG A 63 42.83 -43.13 14.66
CA ARG A 63 44.19 -42.77 15.04
C ARG A 63 44.28 -42.23 16.47
N SER A 64 43.21 -41.54 16.89
CA SER A 64 43.17 -40.72 18.12
C SER A 64 43.21 -41.58 19.35
N LYS A 65 43.10 -42.89 19.13
CA LYS A 65 43.09 -43.90 20.19
C LYS A 65 44.46 -44.21 20.78
N GLU A 66 45.50 -43.87 20.01
CA GLU A 66 46.90 -44.09 20.37
C GLU A 66 47.30 -43.19 21.53
N LYS A 67 48.32 -43.63 22.29
CA LYS A 67 48.94 -42.79 23.33
C LYS A 67 49.55 -41.55 22.73
N GLY A 68 49.48 -40.45 23.48
CA GLY A 68 50.15 -39.20 23.12
C GLY A 68 49.34 -38.35 22.14
N LEU A 69 48.12 -38.78 21.81
CA LEU A 69 47.29 -38.02 20.92
C LEU A 69 46.04 -37.64 21.69
N PRO A 70 45.47 -36.46 21.38
CA PRO A 70 44.17 -36.12 21.97
C PRO A 70 43.08 -37.06 21.45
N SER A 71 42.15 -37.46 22.31
CA SER A 71 41.07 -38.26 21.77
C SER A 71 40.09 -37.41 20.95
N VAL A 72 39.43 -38.03 19.98
CA VAL A 72 38.63 -37.29 19.02
C VAL A 72 37.29 -37.93 18.84
N HIS A 73 36.25 -37.11 18.71
CA HIS A 73 34.96 -37.58 18.20
C HIS A 73 34.56 -36.70 17.06
N ALA A 74 34.28 -37.31 15.92
CA ALA A 74 33.93 -36.54 14.75
C ALA A 74 32.49 -36.75 14.37
N PHE A 75 31.71 -35.70 14.43
CA PHE A 75 30.38 -35.69 13.86
C PHE A 75 30.46 -35.85 12.37
N ASN A 76 29.42 -36.37 11.77
CA ASN A 76 29.38 -36.53 10.33
C ASN A 76 28.97 -35.18 9.69
N THR A 77 29.03 -35.06 8.38
CA THR A 77 28.95 -33.76 7.71
C THR A 77 27.54 -33.24 7.56
N PHE A 78 26.54 -34.04 7.97
CA PHE A 78 25.14 -33.63 7.94
C PHE A 78 24.71 -33.01 9.23
N PHE A 79 25.49 -33.28 10.29
CA PHE A 79 25.19 -32.86 11.67
C PHE A 79 24.92 -31.37 11.78
N PHE A 80 25.91 -30.53 11.48
CA PHE A 80 25.81 -29.13 11.73
C PHE A 80 24.66 -28.48 10.97
N THR A 81 24.50 -28.80 9.68
CA THR A 81 23.39 -28.28 8.89
C THR A 81 22.05 -28.61 9.57
N LYS A 82 21.92 -29.83 10.09
CA LYS A 82 20.67 -30.29 10.72
C LYS A 82 20.41 -29.59 12.05
N LEU A 83 21.44 -29.49 12.89
CA LEU A 83 21.36 -28.65 14.08
C LEU A 83 20.98 -27.22 13.76
N LYS A 84 21.54 -26.66 12.70
CA LYS A 84 21.28 -25.25 12.39
C LYS A 84 19.86 -25.04 11.91
N THR A 85 19.39 -25.87 10.98
CA THR A 85 18.07 -25.66 10.31
C THR A 85 16.84 -26.10 11.15
N ALA A 86 16.91 -27.31 11.72
CA ALA A 86 16.05 -27.74 12.84
C ALA A 86 16.88 -27.54 14.12
N GLY A 87 16.38 -27.84 15.29
CA GLY A 87 17.14 -27.44 16.46
C GLY A 87 17.82 -28.61 17.10
N TYR A 88 18.29 -28.40 18.33
CA TYR A 88 18.86 -29.48 19.14
C TYR A 88 18.07 -30.79 19.11
N GLN A 89 16.74 -30.66 19.13
CA GLN A 89 15.87 -31.83 19.25
C GLN A 89 16.07 -32.82 18.11
N ALA A 90 16.45 -32.30 16.94
CA ALA A 90 16.59 -33.10 15.75
C ALA A 90 17.88 -33.91 15.73
N VAL A 91 18.84 -33.53 16.59
CA VAL A 91 20.17 -34.18 16.63
C VAL A 91 20.55 -34.81 17.97
N LYS A 92 19.70 -34.68 18.99
CA LYS A 92 20.01 -35.17 20.33
C LYS A 92 20.28 -36.69 20.36
N ARG A 93 19.51 -37.43 19.58
CA ARG A 93 19.66 -38.86 19.51
C ARG A 93 20.87 -39.30 18.65
N TRP A 94 21.53 -38.36 17.98
CA TRP A 94 22.69 -38.75 17.20
C TRP A 94 23.85 -39.10 18.12
N THR A 95 23.70 -38.86 19.41
CA THR A 95 24.76 -39.14 20.37
C THR A 95 24.34 -39.98 21.55
N LYS A 96 23.28 -40.78 21.40
CA LYS A 96 23.12 -41.94 22.30
C LYS A 96 24.38 -42.76 22.09
N LYS A 97 24.84 -43.47 23.12
CA LYS A 97 26.07 -44.29 22.99
C LYS A 97 27.40 -43.55 22.63
N VAL A 98 27.40 -42.21 22.69
CA VAL A 98 28.66 -41.43 22.69
C VAL A 98 28.59 -40.33 23.75
N ASP A 99 29.64 -40.23 24.53
CA ASP A 99 29.76 -39.19 25.52
C ASP A 99 30.76 -38.17 24.99
N VAL A 100 30.24 -37.06 24.48
CA VAL A 100 31.06 -36.05 23.84
C VAL A 100 31.98 -35.36 24.85
N PHE A 101 31.60 -35.39 26.13
CA PHE A 101 32.43 -34.74 27.17
C PHE A 101 33.56 -35.63 27.68
N SER A 102 33.78 -36.77 27.05
CA SER A 102 34.83 -37.68 27.54
C SER A 102 35.99 -37.77 26.56
N VAL A 103 35.96 -37.00 25.48
CA VAL A 103 37.12 -36.89 24.57
C VAL A 103 37.66 -35.46 24.63
N ASP A 104 38.89 -35.27 24.11
CA ASP A 104 39.51 -33.93 24.09
C ASP A 104 39.00 -32.99 22.97
N ILE A 105 38.63 -33.55 21.83
CA ILE A 105 38.41 -32.79 20.63
C ILE A 105 37.19 -33.30 19.90
N LEU A 106 36.30 -32.38 19.54
CA LEU A 106 35.16 -32.66 18.68
C LEU A 106 35.42 -32.02 17.31
N LEU A 107 35.34 -32.80 16.26
CA LEU A 107 35.51 -32.26 14.92
C LEU A 107 34.12 -32.02 14.30
N VAL A 108 33.87 -30.83 13.77
CA VAL A 108 32.59 -30.57 13.18
C VAL A 108 32.81 -30.08 11.76
N PRO A 109 32.84 -31.01 10.80
CA PRO A 109 32.93 -30.58 9.40
C PRO A 109 31.63 -29.88 8.97
N ILE A 110 31.74 -28.77 8.24
CA ILE A 110 30.60 -27.97 7.94
C ILE A 110 30.45 -27.80 6.44
N HIS A 111 29.30 -28.19 5.92
CA HIS A 111 29.02 -28.04 4.53
C HIS A 111 28.15 -26.79 4.37
N LEU A 112 28.56 -25.88 3.49
CA LEU A 112 27.79 -24.68 3.17
C LEU A 112 27.36 -24.64 1.68
N GLY A 113 26.63 -25.66 1.24
CA GLY A 113 26.10 -25.73 -0.12
C GLY A 113 27.14 -26.06 -1.19
N VAL A 114 28.12 -25.17 -1.35
CA VAL A 114 29.19 -25.30 -2.34
C VAL A 114 30.58 -25.10 -1.73
N HIS A 115 30.70 -25.22 -0.41
CA HIS A 115 31.96 -24.92 0.24
C HIS A 115 32.06 -25.74 1.50
N TRP A 116 33.28 -25.97 1.97
CA TRP A 116 33.54 -26.75 3.19
C TRP A 116 34.36 -25.91 4.15
N CYS A 117 33.96 -25.92 5.41
CA CYS A 117 34.76 -25.34 6.50
C CYS A 117 34.82 -26.34 7.63
N LEU A 118 35.52 -26.00 8.71
CA LEU A 118 35.64 -26.89 9.85
C LEU A 118 35.47 -26.11 11.16
N ALA A 119 34.60 -26.59 12.05
CA ALA A 119 34.60 -26.14 13.42
C ALA A 119 35.19 -27.20 14.39
N VAL A 120 35.95 -26.75 15.37
CA VAL A 120 36.56 -27.67 16.32
C VAL A 120 36.31 -27.16 17.74
N VAL A 121 35.78 -28.05 18.58
CA VAL A 121 35.70 -27.88 20.02
C VAL A 121 36.88 -28.56 20.72
N ASP A 122 37.67 -27.77 21.42
CA ASP A 122 38.77 -28.31 22.18
C ASP A 122 38.54 -28.08 23.67
N PHE A 123 38.11 -29.13 24.38
CA PHE A 123 37.85 -29.10 25.83
C PHE A 123 39.09 -28.84 26.66
N ARG A 124 40.28 -29.12 26.13
CA ARG A 124 41.51 -28.79 26.88
C ARG A 124 41.74 -27.28 26.93
N LYS A 125 41.57 -26.63 25.79
CA LYS A 125 41.86 -25.22 25.61
C LYS A 125 40.64 -24.39 25.97
N LYS A 126 39.50 -25.06 26.08
CA LYS A 126 38.24 -24.40 26.37
C LYS A 126 37.85 -23.40 25.27
N ASN A 127 37.96 -23.82 24.01
CA ASN A 127 37.47 -22.92 22.97
C ASN A 127 36.87 -23.60 21.74
N ILE A 128 36.00 -22.87 21.06
CA ILE A 128 35.30 -23.36 19.87
C ILE A 128 35.81 -22.57 18.67
N THR A 129 36.64 -23.23 17.87
CA THR A 129 37.41 -22.60 16.81
C THR A 129 36.86 -22.94 15.43
N TYR A 130 36.62 -21.90 14.63
CA TYR A 130 36.14 -22.07 13.26
C TYR A 130 37.27 -21.78 12.29
N TYR A 131 37.34 -22.64 11.25
CA TYR A 131 38.41 -22.61 10.26
C TYR A 131 37.90 -22.57 8.81
N ASP A 132 38.19 -21.47 8.12
CA ASP A 132 37.74 -21.30 6.75
C ASP A 132 38.94 -21.00 5.89
N SER A 133 39.27 -21.93 4.98
CA SER A 133 40.39 -21.74 4.02
C SER A 133 40.14 -20.66 2.97
N MET A 134 39.02 -19.99 3.06
CA MET A 134 38.77 -18.76 2.29
C MET A 134 38.64 -17.54 3.16
N GLY A 135 38.91 -17.69 4.45
CA GLY A 135 39.02 -16.54 5.36
C GLY A 135 37.74 -15.90 5.88
N GLY A 136 36.59 -16.56 5.67
CA GLY A 136 35.32 -16.05 6.18
C GLY A 136 35.22 -16.18 7.70
N ILE A 137 34.44 -15.32 8.32
CA ILE A 137 34.16 -15.39 9.75
C ILE A 137 32.80 -16.08 9.96
N ASN A 138 32.70 -16.97 10.93
CA ASN A 138 31.41 -17.64 11.22
C ASN A 138 31.20 -17.86 12.73
N ASN A 139 31.15 -16.77 13.49
CA ASN A 139 30.99 -16.90 14.94
C ASN A 139 29.62 -17.45 15.37
N GLU A 140 28.64 -17.31 14.48
CA GLU A 140 27.34 -17.93 14.69
C GLU A 140 27.39 -19.46 14.74
N ALA A 141 28.20 -20.06 13.87
CA ALA A 141 28.47 -21.51 13.98
C ALA A 141 29.05 -21.87 15.37
N CYS A 142 30.05 -21.11 15.83
CA CYS A 142 30.63 -21.31 17.14
C CYS A 142 29.59 -21.20 18.26
N ARG A 143 28.83 -20.08 18.26
CA ARG A 143 27.70 -19.88 19.21
C ARG A 143 26.72 -21.06 19.21
N ILE A 144 26.32 -21.49 18.01
CA ILE A 144 25.45 -22.63 17.85
C ILE A 144 26.05 -23.83 18.54
N LEU A 145 27.37 -24.03 18.39
CA LEU A 145 28.02 -25.19 19.05
C LEU A 145 28.12 -25.05 20.55
N LEU A 146 28.27 -23.82 21.05
CA LEU A 146 28.23 -23.63 22.49
C LEU A 146 26.86 -24.04 22.98
N GLN A 147 25.82 -23.46 22.40
CA GLN A 147 24.43 -23.77 22.73
C GLN A 147 24.15 -25.29 22.66
N TYR A 148 24.69 -25.93 21.63
CA TYR A 148 24.68 -27.37 21.56
C TYR A 148 25.32 -28.01 22.77
N LEU A 149 26.48 -27.54 23.22
CA LEU A 149 27.15 -28.15 24.38
C LEU A 149 26.28 -28.02 25.62
N LYS A 150 25.72 -26.82 25.84
CA LYS A 150 24.79 -26.60 26.97
C LYS A 150 23.68 -27.66 26.98
N GLN A 151 22.93 -27.75 25.88
CA GLN A 151 21.85 -28.72 25.74
C GLN A 151 22.26 -30.18 25.84
N GLU A 152 23.36 -30.56 25.20
CA GLU A 152 23.88 -31.93 25.30
C GLU A 152 24.26 -32.32 26.74
N SER A 153 24.85 -31.39 27.48
CA SER A 153 25.11 -31.59 28.92
C SER A 153 23.85 -31.82 29.78
N ILE A 154 22.78 -31.07 29.53
CA ILE A 154 21.52 -31.24 30.27
C ILE A 154 20.89 -32.61 29.95
N ASP A 155 20.79 -32.90 28.65
CA ASP A 155 20.15 -34.09 28.12
C ASP A 155 20.90 -35.39 28.44
N LYS A 156 22.21 -35.41 28.27
CA LYS A 156 23.01 -36.62 28.52
C LYS A 156 23.58 -36.71 29.94
N LYS A 157 23.82 -35.58 30.59
CA LYS A 157 24.46 -35.60 31.90
C LYS A 157 23.72 -34.92 33.04
N ARG A 158 22.52 -34.39 32.74
CA ARG A 158 21.61 -33.81 33.76
C ARG A 158 22.28 -32.76 34.65
N LYS A 159 23.22 -32.02 34.06
CA LYS A 159 23.83 -30.86 34.70
C LYS A 159 24.06 -29.76 33.69
N GLU A 160 24.24 -28.55 34.19
CA GLU A 160 24.47 -27.37 33.37
C GLU A 160 25.94 -27.34 32.91
N PHE A 161 26.14 -26.98 31.65
CA PHE A 161 27.49 -26.89 31.09
C PHE A 161 28.16 -25.63 31.62
N ASP A 162 29.39 -25.78 32.09
CA ASP A 162 30.14 -24.65 32.64
C ASP A 162 30.73 -23.81 31.52
N THR A 163 30.18 -22.61 31.36
CA THR A 163 30.50 -21.71 30.24
C THR A 163 31.74 -20.87 30.50
N ASN A 164 32.13 -20.81 31.77
CA ASN A 164 33.29 -20.08 32.25
C ASN A 164 34.59 -20.47 31.55
N GLY A 165 35.25 -19.48 30.92
CA GLY A 165 36.55 -19.64 30.31
C GLY A 165 36.53 -19.99 28.83
N TRP A 166 35.35 -20.08 28.25
CA TRP A 166 35.23 -20.43 26.85
C TRP A 166 35.34 -19.28 25.88
N GLN A 167 36.14 -19.50 24.84
CA GLN A 167 36.38 -18.55 23.76
C GLN A 167 35.79 -19.08 22.44
N LEU A 168 35.06 -18.23 21.74
CA LEU A 168 34.50 -18.62 20.41
C LEU A 168 35.08 -17.73 19.34
N PHE A 169 35.90 -18.29 18.46
CA PHE A 169 36.51 -17.45 17.43
C PHE A 169 36.70 -18.11 16.09
N SER A 170 36.98 -17.28 15.10
CA SER A 170 37.23 -17.74 13.76
C SER A 170 38.67 -17.40 13.43
N LYS A 171 39.38 -18.36 12.84
CA LYS A 171 40.78 -18.16 12.51
C LYS A 171 40.80 -17.11 11.38
N LYS A 172 41.68 -16.11 11.50
CA LYS A 172 41.79 -15.01 10.52
C LYS A 172 42.53 -15.45 9.28
N SER A 173 42.28 -14.79 8.15
CA SER A 173 42.85 -15.22 6.87
C SER A 173 44.37 -15.49 6.94
N GLN A 174 45.07 -14.68 7.72
CA GLN A 174 46.53 -14.78 7.85
C GLN A 174 47.08 -15.72 8.94
N GLU A 175 46.20 -16.43 9.63
CA GLU A 175 46.67 -17.30 10.70
C GLU A 175 46.67 -18.77 10.25
N ILE A 176 45.89 -19.05 9.21
CA ILE A 176 45.82 -20.38 8.62
C ILE A 176 46.03 -20.31 7.08
N PRO A 177 46.76 -21.30 6.52
CA PRO A 177 46.91 -21.39 5.07
C PRO A 177 45.56 -21.23 4.36
N GLN A 178 45.54 -20.39 3.33
CA GLN A 178 44.36 -20.18 2.52
C GLN A 178 44.46 -20.91 1.20
N GLN A 179 43.31 -21.33 0.68
CA GLN A 179 43.21 -21.83 -0.71
C GLN A 179 43.30 -20.71 -1.76
N MET A 180 43.66 -21.08 -2.98
CA MET A 180 43.82 -20.10 -4.05
C MET A 180 43.15 -20.55 -5.34
N ASN A 181 42.43 -21.66 -5.27
CA ASN A 181 41.68 -22.15 -6.41
C ASN A 181 40.23 -22.25 -5.96
N GLY A 182 39.35 -22.66 -6.87
CA GLY A 182 37.93 -22.83 -6.56
C GLY A 182 37.52 -24.25 -6.16
N SER A 183 38.46 -25.08 -5.68
CA SER A 183 38.14 -26.51 -5.45
C SER A 183 38.63 -27.12 -4.14
N ASP A 184 39.68 -26.60 -3.57
CA ASP A 184 40.36 -27.36 -2.50
C ASP A 184 39.82 -27.23 -1.07
N ALA A 185 38.65 -26.61 -0.89
CA ALA A 185 38.10 -26.36 0.44
C ALA A 185 38.01 -27.62 1.30
N GLY A 186 37.63 -28.74 0.68
CA GLY A 186 37.50 -30.01 1.38
C GLY A 186 38.84 -30.50 1.89
N MET A 187 39.86 -30.24 1.08
CA MET A 187 41.18 -30.69 1.36
C MET A 187 41.77 -29.92 2.53
N PHE A 188 41.58 -28.61 2.53
CA PHE A 188 42.00 -27.81 3.67
C PHE A 188 41.31 -28.27 4.95
N ALA A 189 39.99 -28.49 4.87
CA ALA A 189 39.22 -28.94 6.02
C ALA A 189 39.86 -30.19 6.63
N CYS A 190 40.13 -31.18 5.78
CA CYS A 190 40.69 -32.45 6.21
C CYS A 190 42.07 -32.29 6.79
N LYS A 191 42.90 -31.49 6.13
CA LYS A 191 44.29 -31.38 6.54
C LYS A 191 44.46 -30.44 7.75
N TYR A 192 43.61 -29.41 7.83
CA TYR A 192 43.50 -28.64 9.06
C TYR A 192 43.31 -29.60 10.22
N ALA A 193 42.29 -30.45 10.09
CA ALA A 193 41.90 -31.41 11.12
C ALA A 193 42.99 -32.45 11.40
N ASP A 194 43.70 -32.88 10.35
CA ASP A 194 44.83 -33.79 10.54
C ASP A 194 45.91 -33.25 11.52
N CYS A 195 46.41 -32.04 11.25
CA CYS A 195 47.34 -31.34 12.14
C CYS A 195 46.80 -31.15 13.53
N ILE A 196 45.57 -30.65 13.61
CA ILE A 196 44.94 -30.32 14.90
C ILE A 196 44.87 -31.56 15.79
N THR A 197 44.46 -32.68 15.19
CA THR A 197 44.35 -33.95 15.93
C THR A 197 45.67 -34.61 16.22
N LYS A 198 46.75 -34.08 15.64
CA LYS A 198 48.10 -34.46 16.08
C LYS A 198 48.71 -33.44 17.07
N ASP A 199 47.97 -32.39 17.42
CA ASP A 199 48.50 -31.27 18.22
C ASP A 199 49.77 -30.63 17.66
N ARG A 200 49.82 -30.40 16.36
CA ARG A 200 50.99 -29.82 15.75
C ARG A 200 50.58 -28.59 14.97
N PRO A 201 51.49 -27.60 14.84
CA PRO A 201 51.09 -26.41 14.11
C PRO A 201 50.77 -26.76 12.66
N ILE A 202 49.76 -26.08 12.11
CA ILE A 202 49.45 -26.20 10.69
C ILE A 202 50.68 -25.76 9.89
N ASN A 203 51.22 -26.69 9.08
CA ASN A 203 52.53 -26.52 8.48
C ASN A 203 52.56 -26.65 6.96
N PHE A 204 51.40 -26.50 6.33
CA PHE A 204 51.29 -26.68 4.88
C PHE A 204 50.75 -25.44 4.20
N THR A 205 50.77 -25.46 2.86
CA THR A 205 50.21 -24.39 2.06
C THR A 205 49.46 -25.00 0.87
N GLN A 206 48.75 -24.14 0.14
CA GLN A 206 48.07 -24.52 -1.09
C GLN A 206 48.99 -25.35 -1.98
N GLN A 207 50.29 -25.06 -1.91
CA GLN A 207 51.27 -25.76 -2.75
C GLN A 207 51.30 -27.28 -2.56
N HIS A 208 50.91 -27.73 -1.37
CA HIS A 208 50.94 -29.16 -1.05
C HIS A 208 49.65 -29.90 -1.45
N MET A 209 48.64 -29.17 -1.88
CA MET A 209 47.33 -29.79 -2.15
C MET A 209 47.30 -30.93 -3.21
N PRO A 210 47.94 -30.75 -4.38
CA PRO A 210 47.91 -31.91 -5.31
C PRO A 210 48.60 -33.13 -4.72
N TYR A 211 49.62 -32.90 -3.88
CA TYR A 211 50.28 -33.99 -3.17
C TYR A 211 49.33 -34.62 -2.16
N PHE A 212 48.59 -33.78 -1.46
CA PHE A 212 47.67 -34.24 -0.45
C PHE A 212 46.52 -35.05 -1.05
N ARG A 213 45.90 -34.54 -2.12
CA ARG A 213 44.87 -35.30 -2.87
C ARG A 213 45.34 -36.70 -3.22
N LYS A 214 46.47 -36.81 -3.91
CA LYS A 214 47.01 -38.10 -4.35
C LYS A 214 47.26 -39.01 -3.14
N ARG A 215 47.97 -38.46 -2.13
CA ARG A 215 48.22 -39.19 -0.92
C ARG A 215 46.93 -39.67 -0.24
N MET A 216 45.95 -38.80 -0.10
CA MET A 216 44.70 -39.19 0.52
C MET A 216 44.06 -40.36 -0.19
N VAL A 217 44.07 -40.37 -1.52
CA VAL A 217 43.56 -41.53 -2.21
C VAL A 217 44.16 -42.77 -1.61
N TRP A 218 45.47 -42.78 -1.40
CA TRP A 218 46.17 -43.96 -0.90
C TRP A 218 45.80 -44.31 0.54
N GLU A 219 45.82 -43.29 1.40
CA GLU A 219 45.54 -43.48 2.82
C GLU A 219 44.15 -44.02 3.04
N ILE A 220 43.18 -43.56 2.26
CA ILE A 220 41.82 -44.13 2.19
C ILE A 220 41.79 -45.59 1.68
N LEU A 221 42.54 -45.88 0.62
CA LEU A 221 42.52 -47.23 0.11
C LEU A 221 43.08 -48.23 1.15
N HIS A 222 44.05 -47.80 1.94
CA HIS A 222 44.73 -48.68 2.89
C HIS A 222 44.29 -48.39 4.32
N ARG A 223 43.31 -47.51 4.45
CA ARG A 223 42.79 -47.15 5.76
C ARG A 223 43.90 -46.93 6.80
N LYS A 224 44.97 -46.26 6.37
CA LYS A 224 46.07 -45.88 7.24
C LYS A 224 46.50 -44.43 6.99
N LEU A 225 46.64 -43.65 8.07
CA LEU A 225 47.15 -42.29 7.92
C LEU A 225 48.66 -42.33 7.98
N LEU A 226 49.31 -41.55 7.14
CA LEU A 226 50.77 -41.48 7.09
C LEU A 226 51.33 -40.31 7.92
N GLU B 1 8.39 -57.95 8.66
CA GLU B 1 7.15 -58.20 9.44
C GLU B 1 7.13 -57.36 10.72
N TYR B 2 8.10 -57.59 11.59
CA TYR B 2 8.01 -57.08 12.95
C TYR B 2 7.92 -55.55 13.10
N ILE B 3 8.43 -54.75 12.15
CA ILE B 3 8.18 -53.30 12.28
C ILE B 3 7.88 -52.44 11.05
N LYS B 4 7.07 -51.41 11.30
CA LYS B 4 6.76 -50.36 10.36
C LYS B 4 7.75 -49.23 10.60
N LEU B 5 8.38 -48.74 9.53
CA LEU B 5 9.30 -47.61 9.59
C LEU B 5 8.76 -46.49 8.70
N LYS B 6 9.14 -45.26 9.03
CA LYS B 6 8.94 -44.11 8.14
C LYS B 6 10.26 -43.68 7.54
N VAL B 7 10.38 -43.72 6.22
CA VAL B 7 11.55 -43.11 5.56
C VAL B 7 11.18 -41.71 5.14
N ILE B 8 11.79 -40.72 5.79
CA ILE B 8 11.43 -39.31 5.60
C ILE B 8 12.51 -38.54 4.84
N GLY B 9 12.14 -38.04 3.66
CA GLY B 9 13.04 -37.23 2.86
C GLY B 9 13.24 -35.84 3.46
N GLN B 10 14.32 -35.18 3.06
CA GLN B 10 14.72 -33.94 3.70
C GLN B 10 13.85 -32.79 3.19
N ASP B 11 13.04 -33.11 2.17
CA ASP B 11 11.91 -32.29 1.72
C ASP B 11 10.63 -32.57 2.50
N SER B 12 10.74 -33.36 3.58
CA SER B 12 9.61 -33.64 4.50
C SER B 12 8.60 -34.77 4.09
N SER B 13 8.76 -35.34 2.89
CA SER B 13 7.90 -36.41 2.41
C SER B 13 8.24 -37.79 2.99
N GLU B 14 7.20 -38.61 3.16
CA GLU B 14 7.31 -39.90 3.85
C GLU B 14 6.98 -41.06 2.92
N ILE B 15 7.76 -42.14 3.03
CA ILE B 15 7.37 -43.44 2.48
C ILE B 15 7.43 -44.49 3.60
N HIS B 16 6.31 -45.16 3.83
CA HIS B 16 6.21 -46.17 4.89
C HIS B 16 6.59 -47.56 4.38
N PHE B 17 7.43 -48.25 5.15
CA PHE B 17 7.80 -49.63 4.85
C PHE B 17 7.50 -50.53 6.03
N LYS B 18 7.13 -51.77 5.72
CA LYS B 18 7.04 -52.83 6.71
C LYS B 18 8.25 -53.72 6.45
N VAL B 19 9.07 -53.95 7.46
CA VAL B 19 10.30 -54.68 7.20
C VAL B 19 10.61 -55.71 8.29
N LYS B 20 11.28 -56.77 7.89
CA LYS B 20 11.78 -57.81 8.81
C LYS B 20 12.97 -57.28 9.62
N MET B 21 12.97 -57.62 10.91
CA MET B 21 13.98 -57.18 11.87
C MET B 21 15.39 -57.68 11.58
N THR B 22 15.52 -58.84 10.93
CA THR B 22 16.84 -59.41 10.64
C THR B 22 17.25 -59.30 9.17
N THR B 23 16.43 -58.64 8.35
CA THR B 23 16.74 -58.47 6.93
C THR B 23 17.64 -57.23 6.70
N HIS B 24 18.62 -57.39 5.82
CA HIS B 24 19.53 -56.32 5.43
C HIS B 24 18.73 -55.16 4.86
N LEU B 25 19.14 -53.92 5.14
CA LEU B 25 18.38 -52.75 4.71
C LEU B 25 18.66 -52.30 3.26
N LYS B 26 19.53 -53.03 2.58
CA LYS B 26 19.89 -52.75 1.20
C LYS B 26 18.64 -52.65 0.29
N LYS B 27 17.77 -53.65 0.34
CA LYS B 27 16.57 -53.65 -0.48
C LYS B 27 15.68 -52.46 -0.16
N LEU B 28 15.60 -52.08 1.12
CA LEU B 28 14.80 -50.92 1.51
C LEU B 28 15.34 -49.67 0.80
N LYS B 29 16.64 -49.46 0.91
CA LYS B 29 17.28 -48.31 0.28
C LYS B 29 17.03 -48.28 -1.24
N GLU B 30 17.16 -49.43 -1.89
CA GLU B 30 17.12 -49.50 -3.34
C GLU B 30 15.70 -49.26 -3.85
N SER B 31 14.72 -49.67 -3.04
CA SER B 31 13.30 -49.41 -3.27
C SER B 31 13.02 -47.94 -3.19
N TYR B 32 13.50 -47.30 -2.13
CA TYR B 32 13.26 -45.88 -1.90
C TYR B 32 13.73 -45.01 -3.06
N CYS B 33 15.00 -45.17 -3.40
CA CYS B 33 15.62 -44.43 -4.49
C CYS B 33 15.00 -44.74 -5.85
N GLN B 34 14.67 -46.01 -6.08
CA GLN B 34 14.02 -46.44 -7.31
C GLN B 34 12.70 -45.68 -7.41
N ARG B 35 11.97 -45.66 -6.30
CA ARG B 35 10.70 -44.96 -6.18
C ARG B 35 10.84 -43.45 -6.39
N GLN B 36 11.99 -42.92 -6.02
CA GLN B 36 12.26 -41.50 -6.12
C GLN B 36 12.76 -41.10 -7.52
N GLY B 37 13.07 -42.10 -8.34
CA GLY B 37 13.67 -41.90 -9.66
C GLY B 37 15.13 -41.48 -9.69
N VAL B 38 15.83 -41.55 -8.56
CA VAL B 38 17.24 -41.08 -8.47
C VAL B 38 18.24 -42.25 -8.35
N PRO B 39 19.53 -42.00 -8.68
CA PRO B 39 20.48 -43.11 -8.51
C PRO B 39 20.81 -43.31 -7.04
N MET B 40 21.21 -44.54 -6.71
CA MET B 40 21.52 -44.92 -5.33
C MET B 40 22.54 -44.00 -4.71
N ASN B 41 23.69 -43.86 -5.39
CA ASN B 41 24.87 -43.10 -4.93
C ASN B 41 24.63 -41.61 -4.60
N SER B 42 23.46 -41.10 -4.98
CA SER B 42 23.11 -39.72 -4.67
C SER B 42 22.53 -39.60 -3.28
N LEU B 43 22.16 -40.73 -2.68
CA LEU B 43 21.41 -40.70 -1.40
C LEU B 43 22.22 -41.16 -0.17
N ARG B 44 21.81 -40.76 1.03
CA ARG B 44 22.43 -41.23 2.29
C ARG B 44 21.32 -41.44 3.32
N PHE B 45 21.23 -42.69 3.81
CA PHE B 45 20.15 -43.10 4.73
C PHE B 45 20.69 -43.14 6.13
N LEU B 46 20.19 -42.23 6.99
CA LEU B 46 20.63 -42.17 8.38
C LEU B 46 19.51 -42.60 9.28
N PHE B 47 19.89 -43.32 10.34
CA PHE B 47 18.99 -43.54 11.45
C PHE B 47 19.57 -42.88 12.70
N GLU B 48 18.89 -41.83 13.15
CA GLU B 48 19.40 -41.01 14.24
C GLU B 48 20.90 -40.78 14.10
N GLY B 49 21.29 -40.30 12.93
CA GLY B 49 22.67 -39.90 12.70
C GLY B 49 23.56 -40.97 12.14
N GLN B 50 23.24 -42.22 12.45
CA GLN B 50 24.12 -43.30 12.02
C GLN B 50 23.85 -43.68 10.57
N ARG B 51 24.91 -43.62 9.79
CA ARG B 51 24.87 -44.07 8.40
C ARG B 51 24.48 -45.54 8.30
N ILE B 52 23.47 -45.83 7.47
CA ILE B 52 22.96 -47.19 7.31
C ILE B 52 23.60 -47.88 6.12
N ALA B 53 24.39 -48.90 6.41
CA ALA B 53 25.09 -49.72 5.42
C ALA B 53 24.12 -50.72 4.81
N ASP B 54 24.52 -51.31 3.69
CA ASP B 54 23.70 -52.31 3.00
C ASP B 54 23.52 -53.59 3.83
N ASN B 55 24.43 -53.85 4.77
CA ASN B 55 24.28 -55.03 5.63
C ASN B 55 23.78 -54.76 7.06
N HIS B 56 23.39 -53.51 7.33
CA HIS B 56 22.73 -53.17 8.58
C HIS B 56 21.32 -53.75 8.65
N THR B 57 20.93 -54.18 9.85
CA THR B 57 19.56 -54.65 10.08
C THR B 57 18.89 -53.80 11.15
N PRO B 58 17.56 -53.68 11.09
CA PRO B 58 16.77 -53.09 12.16
C PRO B 58 17.18 -53.55 13.56
N LYS B 59 17.46 -54.86 13.73
CA LYS B 59 17.85 -55.35 15.07
C LYS B 59 19.18 -54.80 15.50
N GLU B 60 20.17 -54.88 14.61
CA GLU B 60 21.49 -54.30 14.82
C GLU B 60 21.42 -52.84 15.24
N LEU B 61 20.55 -52.07 14.60
CA LEU B 61 20.48 -50.65 14.88
C LEU B 61 19.59 -50.30 16.07
N GLY B 62 18.89 -51.28 16.62
CA GLY B 62 17.94 -51.05 17.72
C GLY B 62 16.72 -50.21 17.32
N MET B 63 16.15 -50.50 16.17
CA MET B 63 14.98 -49.76 15.71
C MET B 63 13.67 -50.30 16.26
N GLU B 64 12.73 -49.41 16.52
CA GLU B 64 11.44 -49.81 17.07
C GLU B 64 10.29 -49.46 16.15
N GLU B 65 9.13 -50.06 16.41
CA GLU B 65 7.91 -49.71 15.69
C GLU B 65 7.87 -48.19 15.55
N GLU B 66 7.49 -47.70 14.38
CA GLU B 66 7.31 -46.26 14.09
C GLU B 66 8.58 -45.40 14.00
N ASP B 67 9.75 -46.04 13.96
CA ASP B 67 11.01 -45.29 13.90
C ASP B 67 11.18 -44.66 12.53
N VAL B 68 12.11 -43.69 12.47
CA VAL B 68 12.31 -42.84 11.29
C VAL B 68 13.68 -43.05 10.64
N ILE B 69 13.66 -43.28 9.33
CA ILE B 69 14.87 -43.27 8.54
C ILE B 69 14.90 -41.97 7.73
N GLU B 70 15.98 -41.20 7.90
CA GLU B 70 16.15 -39.92 7.22
C GLU B 70 17.04 -40.09 6.00
N VAL B 71 16.62 -39.43 4.93
CA VAL B 71 17.34 -39.41 3.66
C VAL B 71 17.98 -38.05 3.48
N TYR B 72 19.25 -38.07 3.13
CA TYR B 72 20.06 -36.89 2.87
C TYR B 72 20.67 -37.06 1.51
N GLN B 73 20.83 -35.96 0.79
CA GLN B 73 21.58 -36.05 -0.44
C GLN B 73 23.04 -35.77 -0.23
N GLU B 74 23.80 -36.11 -1.26
CA GLU B 74 25.23 -35.89 -1.33
C GLU B 74 25.54 -34.42 -1.14
N GLN B 75 26.66 -34.14 -0.49
CA GLN B 75 27.12 -32.78 -0.34
C GLN B 75 28.45 -32.66 -1.03
N THR B 76 28.58 -31.67 -1.92
CA THR B 76 29.84 -31.35 -2.56
C THR B 76 30.14 -29.88 -2.30
N GLY B 77 31.44 -29.54 -2.38
CA GLY B 77 31.92 -28.15 -2.16
C GLY B 77 33.37 -27.90 -2.59
N GLY B 78 33.66 -26.66 -2.99
CA GLY B 78 35.02 -26.27 -3.33
C GLY B 78 35.47 -24.86 -2.94
N HIS B 79 34.54 -23.89 -2.92
CA HIS B 79 34.86 -22.48 -2.56
C HIS B 79 33.60 -21.68 -2.18
N SER B 80 33.75 -20.52 -1.57
CA SER B 80 32.58 -19.68 -1.27
C SER B 80 32.52 -18.49 -2.20
N THR B 81 31.34 -17.92 -2.43
CA THR B 81 31.29 -16.69 -3.27
C THR B 81 30.92 -15.41 -2.54
N VAL B 82 31.18 -14.29 -3.23
CA VAL B 82 30.69 -12.93 -2.91
C VAL B 82 29.62 -12.84 -1.83
N CYS B 83 28.53 -13.58 -2.06
CA CYS B 83 27.24 -13.35 -1.39
C CYS B 83 26.64 -12.06 -1.98
N GLU C 1 -5.76 36.71 -10.59
CA GLU C 1 -6.16 35.29 -10.89
C GLU C 1 -7.40 35.25 -11.77
N PHE C 2 -7.26 34.61 -12.93
CA PHE C 2 -8.35 34.45 -13.89
C PHE C 2 -8.09 33.16 -14.67
N PRO C 3 -8.40 32.00 -14.06
CA PRO C 3 -8.04 30.71 -14.67
C PRO C 3 -8.44 30.64 -16.13
N GLU C 4 -7.65 29.92 -16.91
CA GLU C 4 -7.75 29.89 -18.36
C GLU C 4 -9.02 29.15 -18.83
N ILE C 5 -9.61 29.60 -19.94
CA ILE C 5 -10.64 28.81 -20.60
C ILE C 5 -9.96 27.81 -21.56
N THR C 6 -9.99 26.53 -21.19
CA THR C 6 -9.28 25.48 -21.94
C THR C 6 -10.00 25.14 -23.23
N GLU C 7 -9.27 24.48 -24.13
CA GLU C 7 -9.82 24.02 -25.41
C GLU C 7 -11.16 23.29 -25.28
N GLU C 8 -11.23 22.30 -24.41
CA GLU C 8 -12.49 21.57 -24.19
C GLU C 8 -13.58 22.44 -23.54
N MET C 9 -13.18 23.42 -22.75
CA MET C 9 -14.13 24.38 -22.19
C MET C 9 -14.77 25.18 -23.32
N GLU C 10 -13.95 25.77 -24.19
CA GLU C 10 -14.39 26.40 -25.44
C GLU C 10 -15.36 25.54 -26.25
N LYS C 11 -15.00 24.28 -26.48
CA LYS C 11 -15.80 23.34 -27.28
C LYS C 11 -17.19 23.11 -26.67
N GLU C 12 -17.25 23.13 -25.34
CA GLU C 12 -18.46 22.89 -24.61
C GLU C 12 -19.36 24.13 -24.60
N ILE C 13 -18.75 25.31 -24.60
CA ILE C 13 -19.46 26.59 -24.54
C ILE C 13 -20.11 26.91 -25.89
N LYS C 14 -19.28 26.93 -26.92
CA LYS C 14 -19.71 27.09 -28.31
C LYS C 14 -20.87 26.14 -28.64
N ASN C 15 -20.86 24.99 -27.97
CA ASN C 15 -21.83 23.93 -28.14
C ASN C 15 -23.22 24.30 -27.65
N VAL C 16 -23.30 24.96 -26.49
CA VAL C 16 -24.58 25.31 -25.88
C VAL C 16 -25.09 26.68 -26.32
N PHE C 17 -24.20 27.48 -26.93
CA PHE C 17 -24.62 28.71 -27.61
C PHE C 17 -25.32 28.39 -28.93
N ARG C 18 -25.15 27.18 -29.44
CA ARG C 18 -25.78 26.79 -30.71
C ARG C 18 -27.29 26.78 -30.65
N ASN C 19 -27.88 26.91 -31.84
CA ASN C 19 -29.25 26.54 -32.09
C ASN C 19 -29.65 25.27 -31.34
N GLY C 20 -30.92 25.19 -30.98
CA GLY C 20 -31.50 23.99 -30.36
C GLY C 20 -32.83 24.29 -29.71
N ASN C 21 -33.47 23.25 -29.17
CA ASN C 21 -34.68 23.43 -28.38
C ASN C 21 -34.44 24.52 -27.32
N GLN C 22 -35.05 25.69 -27.53
CA GLN C 22 -34.91 26.84 -26.63
C GLN C 22 -35.20 26.51 -25.13
N ASP C 23 -36.14 25.59 -24.91
CA ASP C 23 -36.54 25.17 -23.57
C ASP C 23 -35.80 23.96 -23.02
N GLU C 24 -34.86 23.41 -23.77
CA GLU C 24 -34.07 22.28 -23.31
C GLU C 24 -33.32 22.63 -22.03
N VAL C 25 -33.47 21.80 -21.01
CA VAL C 25 -32.74 21.95 -19.74
C VAL C 25 -31.28 21.53 -19.97
N LEU C 26 -30.36 22.44 -19.63
CA LEU C 26 -28.92 22.20 -19.78
C LEU C 26 -28.20 22.03 -18.44
N SER C 27 -28.73 22.63 -17.39
CA SER C 27 -28.17 22.39 -16.08
C SER C 27 -29.25 22.42 -15.00
N GLU C 28 -29.06 21.60 -13.97
CA GLU C 28 -30.04 21.48 -12.91
C GLU C 28 -29.38 21.39 -11.56
N ALA C 29 -29.82 22.24 -10.65
CA ALA C 29 -29.42 22.19 -9.20
C ALA C 29 -30.26 23.16 -8.40
N PHE C 30 -30.27 22.96 -7.07
CA PHE C 30 -31.02 23.81 -6.14
C PHE C 30 -32.52 23.77 -6.48
N ARG C 31 -32.94 22.62 -6.99
CA ARG C 31 -34.19 22.42 -7.69
C ARG C 31 -34.58 23.57 -8.61
N LEU C 32 -33.59 24.13 -9.29
CA LEU C 32 -33.84 25.11 -10.33
C LEU C 32 -33.34 24.54 -11.66
N THR C 33 -33.78 25.17 -12.73
CA THR C 33 -33.51 24.69 -14.05
C THR C 33 -32.95 25.83 -14.90
N ILE C 34 -31.91 25.54 -15.67
CA ILE C 34 -31.33 26.49 -16.60
C ILE C 34 -31.48 25.90 -17.99
N THR C 35 -32.17 26.63 -18.87
CA THR C 35 -32.45 26.18 -20.21
C THR C 35 -31.51 26.81 -21.25
N ARG C 36 -31.56 26.30 -22.48
CA ARG C 36 -30.82 26.92 -23.58
C ARG C 36 -31.18 28.41 -23.77
N LYS C 37 -32.43 28.80 -23.46
CA LYS C 37 -32.81 30.21 -23.57
C LYS C 37 -32.06 31.09 -22.58
N ASP C 38 -31.80 30.54 -21.40
CA ASP C 38 -31.14 31.25 -20.34
C ASP C 38 -29.66 31.44 -20.67
N ILE C 39 -29.08 30.36 -21.18
CA ILE C 39 -27.67 30.32 -21.53
C ILE C 39 -27.39 31.38 -22.58
N GLN C 40 -28.32 31.54 -23.53
CA GLN C 40 -28.19 32.53 -24.62
C GLN C 40 -28.07 33.96 -24.16
N THR C 41 -28.59 34.28 -22.98
CA THR C 41 -28.47 35.64 -22.47
C THR C 41 -27.01 35.93 -22.03
N LEU C 42 -26.21 34.89 -21.90
CA LEU C 42 -24.78 35.05 -21.71
C LEU C 42 -24.03 35.23 -23.04
N ASN C 43 -24.70 34.96 -24.16
CA ASN C 43 -24.06 35.07 -25.48
C ASN C 43 -23.89 36.51 -25.94
N HIS C 44 -22.89 36.75 -26.82
CA HIS C 44 -22.50 38.09 -27.29
C HIS C 44 -22.60 39.17 -26.20
N LEU C 45 -23.47 40.17 -26.42
CA LEU C 45 -23.80 41.16 -25.43
C LEU C 45 -25.30 41.14 -25.05
N ASN C 46 -25.90 39.96 -25.10
CA ASN C 46 -27.25 39.74 -24.63
C ASN C 46 -27.46 40.09 -23.15
N TRP C 47 -28.69 40.50 -22.80
CA TRP C 47 -28.99 40.97 -21.44
C TRP C 47 -29.27 39.77 -20.57
N LEU C 48 -28.53 39.65 -19.47
CA LEU C 48 -28.78 38.57 -18.52
C LEU C 48 -30.21 38.61 -18.01
N ASN C 49 -30.82 37.43 -17.86
CA ASN C 49 -32.11 37.27 -17.19
C ASN C 49 -32.03 36.77 -15.75
N ASP C 50 -33.16 36.85 -15.06
CA ASP C 50 -33.25 36.39 -13.69
C ASP C 50 -32.71 34.95 -13.43
N GLU C 51 -32.85 34.06 -14.42
CA GLU C 51 -32.53 32.64 -14.19
C GLU C 51 -31.03 32.42 -13.98
N ILE C 52 -30.25 33.12 -14.82
CA ILE C 52 -28.81 33.06 -14.76
C ILE C 52 -28.44 33.61 -13.38
N ILE C 53 -28.89 34.83 -13.07
CA ILE C 53 -28.52 35.52 -11.85
C ILE C 53 -28.83 34.74 -10.58
N ASN C 54 -30.09 34.36 -10.43
CA ASN C 54 -30.51 33.57 -9.28
C ASN C 54 -29.72 32.29 -9.18
N PHE C 55 -29.44 31.66 -10.33
CA PHE C 55 -28.77 30.39 -10.30
C PHE C 55 -27.36 30.60 -9.80
N TYR C 56 -26.71 31.59 -10.37
CA TYR C 56 -25.36 31.94 -9.96
C TYR C 56 -25.32 32.26 -8.47
N MET C 57 -26.20 33.16 -8.00
CA MET C 57 -26.30 33.46 -6.58
C MET C 57 -26.38 32.18 -5.71
N ASN C 58 -27.16 31.21 -6.17
CA ASN C 58 -27.26 29.94 -5.46
C ASN C 58 -25.91 29.20 -5.39
N MET C 59 -25.12 29.30 -6.45
CA MET C 59 -23.78 28.74 -6.43
C MET C 59 -22.90 29.46 -5.41
N LEU C 60 -23.05 30.78 -5.31
CA LEU C 60 -22.29 31.53 -4.33
C LEU C 60 -22.62 31.03 -2.92
N MET C 61 -23.91 30.87 -2.68
CA MET C 61 -24.37 30.31 -1.42
C MET C 61 -23.70 28.93 -1.11
N GLU C 62 -23.66 28.04 -2.11
CA GLU C 62 -23.10 26.71 -1.91
C GLU C 62 -21.66 26.82 -1.45
N ARG C 63 -20.90 27.67 -2.12
CA ARG C 63 -19.48 27.76 -1.89
C ARG C 63 -19.20 28.36 -0.49
N SER C 64 -20.13 29.20 0.01
CA SER C 64 -19.99 29.94 1.27
C SER C 64 -19.94 29.06 2.49
N LYS C 65 -20.30 27.79 2.30
CA LYS C 65 -20.27 26.78 3.37
C LYS C 65 -18.85 26.38 3.76
N GLU C 66 -17.86 26.72 2.94
CA GLU C 66 -16.46 26.27 3.13
C GLU C 66 -15.79 27.07 4.25
N LYS C 67 -14.84 26.45 4.94
CA LYS C 67 -14.02 27.17 5.90
C LYS C 67 -13.34 28.41 5.29
N GLY C 68 -13.26 29.47 6.08
CA GLY C 68 -12.56 30.68 5.68
C GLY C 68 -13.32 31.60 4.75
N LEU C 69 -14.58 31.29 4.46
CA LEU C 69 -15.39 32.18 3.64
C LEU C 69 -16.52 32.66 4.52
N PRO C 70 -17.00 33.89 4.32
CA PRO C 70 -18.22 34.36 4.99
C PRO C 70 -19.39 33.48 4.55
N SER C 71 -20.30 33.20 5.46
CA SER C 71 -21.47 32.42 5.08
C SER C 71 -22.45 33.40 4.45
N VAL C 72 -23.27 32.93 3.53
CA VAL C 72 -24.04 33.84 2.65
C VAL C 72 -25.48 33.38 2.49
N HIS C 73 -26.40 34.31 2.63
CA HIS C 73 -27.77 34.05 2.15
C HIS C 73 -28.14 34.99 0.99
N ALA C 74 -28.58 34.41 -0.11
CA ALA C 74 -28.94 35.22 -1.24
C ALA C 74 -30.43 35.18 -1.46
N PHE C 75 -31.07 36.34 -1.29
CA PHE C 75 -32.44 36.51 -1.79
C PHE C 75 -32.53 36.36 -3.30
N ASN C 76 -33.65 35.86 -3.77
CA ASN C 76 -33.91 35.78 -5.20
C ASN C 76 -34.20 37.19 -5.72
N THR C 77 -34.19 37.35 -7.04
CA THR C 77 -34.27 38.66 -7.71
C THR C 77 -35.62 39.33 -7.68
N PHE C 78 -36.65 38.65 -7.17
CA PHE C 78 -37.98 39.27 -7.16
C PHE C 78 -38.20 39.91 -5.81
N PHE C 79 -37.38 39.52 -4.85
CA PHE C 79 -37.54 39.84 -3.44
C PHE C 79 -37.63 41.32 -3.20
N PHE C 80 -36.59 42.04 -3.60
CA PHE C 80 -36.47 43.48 -3.39
C PHE C 80 -37.60 44.27 -4.03
N THR C 81 -37.90 44.02 -5.30
CA THR C 81 -38.98 44.70 -5.96
C THR C 81 -40.27 44.51 -5.17
N LYS C 82 -40.51 43.27 -4.72
CA LYS C 82 -41.78 42.95 -4.03
C LYS C 82 -41.90 43.71 -2.70
N LEU C 83 -40.84 43.66 -1.91
CA LEU C 83 -40.66 44.45 -0.70
C LEU C 83 -40.88 45.95 -0.97
N LYS C 84 -40.36 46.43 -2.08
CA LYS C 84 -40.45 47.84 -2.35
C LYS C 84 -41.87 48.24 -2.69
N THR C 85 -42.55 47.46 -3.54
CA THR C 85 -43.88 47.82 -4.09
C THR C 85 -45.08 47.50 -3.15
N ALA C 86 -45.06 46.30 -2.56
CA ALA C 86 -45.93 45.94 -1.44
C ALA C 86 -45.00 46.02 -0.24
N GLY C 87 -45.44 45.71 0.96
CA GLY C 87 -44.52 45.97 2.08
C GLY C 87 -43.88 44.72 2.67
N TYR C 88 -43.34 44.87 3.88
CA TYR C 88 -42.78 43.75 4.63
C TYR C 88 -43.74 42.53 4.66
N GLN C 89 -45.03 42.81 4.72
CA GLN C 89 -45.99 41.73 4.89
C GLN C 89 -45.93 40.73 3.76
N ALA C 90 -45.61 41.23 2.56
CA ALA C 90 -45.75 40.42 1.37
C ALA C 90 -44.50 39.55 1.16
N VAL C 91 -43.45 39.81 1.94
CA VAL C 91 -42.24 39.01 1.87
C VAL C 91 -41.86 38.33 3.18
N LYS C 92 -42.66 38.47 4.24
CA LYS C 92 -42.23 37.98 5.56
C LYS C 92 -42.09 36.47 5.59
N ARG C 93 -42.94 35.81 4.82
CA ARG C 93 -42.99 34.37 4.79
C ARG C 93 -41.88 33.80 3.91
N TRP C 94 -41.20 34.64 3.13
CA TRP C 94 -40.17 34.16 2.23
C TRP C 94 -38.95 33.70 3.00
N THR C 95 -38.96 33.92 4.31
CA THR C 95 -37.86 33.47 5.16
C THR C 95 -38.23 32.59 6.33
N LYS C 96 -39.41 31.95 6.30
CA LYS C 96 -39.63 30.81 7.20
C LYS C 96 -38.49 29.86 6.87
N LYS C 97 -38.00 29.11 7.83
CA LYS C 97 -36.89 28.16 7.54
C LYS C 97 -35.54 28.74 7.06
N VAL C 98 -35.38 30.07 7.10
CA VAL C 98 -34.07 30.70 7.03
C VAL C 98 -33.93 31.82 8.07
N ASP C 99 -32.85 31.74 8.84
CA ASP C 99 -32.51 32.75 9.82
C ASP C 99 -31.44 33.66 9.24
N VAL C 100 -31.89 34.79 8.67
CA VAL C 100 -31.00 35.76 8.05
C VAL C 100 -29.89 36.27 9.00
N PHE C 101 -30.18 36.38 10.30
CA PHE C 101 -29.20 36.88 11.26
C PHE C 101 -28.12 35.86 11.67
N SER C 102 -28.10 34.69 11.03
CA SER C 102 -27.10 33.67 11.37
C SER C 102 -26.06 33.46 10.27
N VAL C 103 -26.07 34.30 9.25
CA VAL C 103 -25.02 34.27 8.24
C VAL C 103 -24.33 35.63 8.23
N ASP C 104 -23.18 35.71 7.58
CA ASP C 104 -22.41 36.94 7.58
C ASP C 104 -22.95 37.96 6.57
N ILE C 105 -23.41 37.45 5.43
CA ILE C 105 -23.67 38.26 4.26
C ILE C 105 -25.03 37.90 3.66
N LEU C 106 -25.84 38.93 3.42
CA LEU C 106 -27.04 38.77 2.62
C LEU C 106 -26.80 39.46 1.28
N LEU C 107 -26.99 38.71 0.21
CA LEU C 107 -26.95 39.28 -1.14
C LEU C 107 -28.37 39.66 -1.60
N VAL C 108 -28.60 40.90 -2.00
CA VAL C 108 -29.90 41.30 -2.54
C VAL C 108 -29.72 41.80 -3.96
N PRO C 109 -29.87 40.90 -4.97
CA PRO C 109 -29.87 41.35 -6.38
C PRO C 109 -31.11 42.15 -6.66
N ILE C 110 -30.98 43.26 -7.38
CA ILE C 110 -32.06 44.24 -7.53
C ILE C 110 -32.26 44.44 -9.02
N HIS C 111 -33.50 44.30 -9.46
CA HIS C 111 -33.85 44.50 -10.85
C HIS C 111 -34.58 45.83 -10.90
N LEU C 112 -34.21 46.67 -11.86
CA LEU C 112 -34.87 47.96 -12.07
C LEU C 112 -35.40 48.04 -13.51
N GLY C 113 -36.23 47.08 -13.90
CA GLY C 113 -36.89 47.10 -15.21
C GLY C 113 -35.99 46.74 -16.40
N VAL C 114 -34.92 47.52 -16.60
CA VAL C 114 -33.95 47.32 -17.70
C VAL C 114 -32.47 47.29 -17.22
N HIS C 115 -32.24 47.09 -15.93
CA HIS C 115 -30.93 47.28 -15.39
C HIS C 115 -30.78 46.42 -14.12
N TRP C 116 -29.58 45.97 -13.81
CA TRP C 116 -29.31 45.17 -12.62
C TRP C 116 -28.34 45.87 -11.70
N CYS C 117 -28.64 45.82 -10.41
CA CYS C 117 -27.74 46.35 -9.37
C CYS C 117 -27.66 45.33 -8.25
N LEU C 118 -26.89 45.64 -7.21
CA LEU C 118 -26.73 44.69 -6.12
C LEU C 118 -26.66 45.45 -4.82
N ALA C 119 -27.49 45.06 -3.86
CA ALA C 119 -27.29 45.54 -2.48
C ALA C 119 -26.70 44.41 -1.61
N VAL C 120 -25.84 44.76 -0.67
CA VAL C 120 -25.25 43.75 0.19
C VAL C 120 -25.37 44.18 1.65
N VAL C 121 -25.93 43.29 2.48
CA VAL C 121 -25.86 43.45 3.91
C VAL C 121 -24.67 42.66 4.51
N ASP C 122 -23.74 43.37 5.15
CA ASP C 122 -22.62 42.72 5.83
C ASP C 122 -22.74 42.86 7.35
N PHE C 123 -23.24 41.82 8.02
CA PHE C 123 -23.34 41.88 9.49
C PHE C 123 -22.02 42.03 10.24
N ARG C 124 -20.90 41.63 9.63
CA ARG C 124 -19.62 41.75 10.28
C ARG C 124 -19.21 43.22 10.25
N LYS C 125 -19.38 43.86 9.11
CA LYS C 125 -18.94 45.26 8.94
C LYS C 125 -20.00 46.22 9.46
N LYS C 126 -21.20 45.71 9.74
CA LYS C 126 -22.37 46.53 10.10
C LYS C 126 -22.73 47.59 9.05
N ASN C 127 -22.78 47.18 7.80
CA ASN C 127 -23.24 48.14 6.81
C ASN C 127 -24.08 47.56 5.67
N ILE C 128 -24.90 48.43 5.08
CA ILE C 128 -25.74 48.02 3.93
C ILE C 128 -25.23 48.80 2.73
N THR C 129 -24.57 48.05 1.82
CA THR C 129 -23.80 48.63 0.70
C THR C 129 -24.53 48.42 -0.63
N TYR C 130 -24.72 49.49 -1.40
CA TYR C 130 -25.30 49.38 -2.72
C TYR C 130 -24.22 49.46 -3.83
N TYR C 131 -24.35 48.66 -4.89
CA TYR C 131 -23.40 48.60 -5.96
C TYR C 131 -24.10 48.72 -7.30
N ASP C 132 -23.82 49.82 -7.99
CA ASP C 132 -24.27 50.06 -9.33
C ASP C 132 -23.03 50.14 -10.26
N SER C 133 -22.97 49.24 -11.25
CA SER C 133 -21.95 49.32 -12.29
C SER C 133 -22.13 50.48 -13.26
N MET C 134 -23.17 51.30 -13.08
CA MET C 134 -23.29 52.60 -13.83
C MET C 134 -23.18 53.83 -12.95
N GLY C 135 -22.78 53.62 -11.70
CA GLY C 135 -22.49 54.71 -10.79
C GLY C 135 -23.64 55.46 -10.15
N GLY C 136 -24.87 54.94 -10.31
CA GLY C 136 -26.09 55.46 -9.65
C GLY C 136 -26.03 55.38 -8.13
N ILE C 137 -26.70 56.34 -7.46
CA ILE C 137 -26.84 56.28 -6.01
C ILE C 137 -28.23 55.76 -5.66
N ASN C 138 -28.32 54.81 -4.73
CA ASN C 138 -29.63 54.30 -4.32
C ASN C 138 -29.72 54.07 -2.81
N ASN C 139 -29.54 55.13 -2.03
CA ASN C 139 -29.64 55.00 -0.58
C ASN C 139 -31.01 54.63 -0.03
N GLU C 140 -32.06 54.87 -0.81
CA GLU C 140 -33.41 54.40 -0.46
C GLU C 140 -33.45 52.84 -0.40
N ALA C 141 -32.85 52.18 -1.38
CA ALA C 141 -32.73 50.72 -1.31
C ALA C 141 -32.07 50.29 0.01
N CYS C 142 -31.00 50.97 0.36
CA CYS C 142 -30.33 50.70 1.62
C CYS C 142 -31.21 50.93 2.87
N ARG C 143 -31.93 52.06 2.89
CA ARG C 143 -32.92 52.34 3.94
C ARG C 143 -34.01 51.28 3.98
N ILE C 144 -34.51 50.90 2.81
CA ILE C 144 -35.53 49.84 2.74
C ILE C 144 -35.00 48.54 3.41
N LEU C 145 -33.75 48.18 3.12
CA LEU C 145 -33.19 46.97 3.71
C LEU C 145 -32.99 47.06 5.23
N LEU C 146 -32.65 48.25 5.73
CA LEU C 146 -32.59 48.49 7.16
C LEU C 146 -33.98 48.22 7.73
N GLN C 147 -34.97 48.94 7.23
CA GLN C 147 -36.33 48.75 7.70
C GLN C 147 -36.74 47.27 7.66
N TYR C 148 -36.37 46.58 6.59
CA TYR C 148 -36.58 45.15 6.51
C TYR C 148 -35.88 44.39 7.66
N LEU C 149 -34.61 44.68 7.91
CA LEU C 149 -33.92 44.03 9.04
C LEU C 149 -34.67 44.25 10.37
N LYS C 150 -35.14 45.48 10.62
CA LYS C 150 -35.84 45.77 11.85
C LYS C 150 -37.05 44.82 11.95
N GLN C 151 -37.89 44.82 10.91
CA GLN C 151 -39.14 44.03 10.89
C GLN C 151 -38.90 42.52 10.92
N GLU C 152 -37.91 42.04 10.17
CA GLU C 152 -37.53 40.65 10.20
C GLU C 152 -37.02 40.23 11.59
N SER C 153 -36.31 41.13 12.29
CA SER C 153 -35.93 40.85 13.70
C SER C 153 -37.15 40.65 14.63
N ILE C 154 -38.11 41.57 14.53
CA ILE C 154 -39.33 41.47 15.33
C ILE C 154 -40.06 40.17 15.02
N ASP C 155 -40.30 39.94 13.74
CA ASP C 155 -41.11 38.84 13.27
C ASP C 155 -40.50 37.45 13.57
N LYS C 156 -39.21 37.29 13.29
CA LYS C 156 -38.59 36.00 13.42
C LYS C 156 -37.90 35.81 14.76
N LYS C 157 -37.55 36.91 15.43
CA LYS C 157 -36.77 36.77 16.67
C LYS C 157 -37.31 37.54 17.87
N ARG C 158 -38.49 38.15 17.74
CA ARG C 158 -39.20 38.83 18.83
C ARG C 158 -38.32 39.78 19.67
N LYS C 159 -37.41 40.47 19.00
CA LYS C 159 -36.60 41.52 19.64
C LYS C 159 -36.32 42.61 18.63
N GLU C 160 -35.98 43.80 19.14
CA GLU C 160 -35.71 44.95 18.30
C GLU C 160 -34.31 44.81 17.71
N PHE C 161 -34.17 45.14 16.41
CA PHE C 161 -32.88 45.13 15.71
C PHE C 161 -32.03 46.32 16.17
N ASP C 162 -30.78 46.02 16.53
CA ASP C 162 -29.86 47.03 17.03
C ASP C 162 -29.24 47.83 15.88
N THR C 163 -29.61 49.10 15.85
CA THR C 163 -29.35 49.98 14.71
C THR C 163 -27.97 50.62 14.80
N ASN C 164 -27.44 50.58 16.02
CA ASN C 164 -26.23 51.28 16.41
C ASN C 164 -25.01 50.83 15.65
N GLY C 165 -24.35 51.82 15.03
CA GLY C 165 -23.16 51.57 14.21
C GLY C 165 -23.41 51.22 12.74
N TRP C 166 -24.66 51.04 12.32
CA TRP C 166 -24.94 50.65 10.92
C TRP C 166 -24.76 51.80 9.94
N GLN C 167 -24.15 51.47 8.80
CA GLN C 167 -23.84 52.43 7.73
C GLN C 167 -24.63 52.06 6.47
N LEU C 168 -25.33 53.03 5.88
CA LEU C 168 -25.99 52.83 4.58
C LEU C 168 -25.38 53.68 3.48
N PHE C 169 -24.72 53.04 2.50
CA PHE C 169 -24.08 53.79 1.43
C PHE C 169 -24.05 53.15 0.08
N SER C 170 -23.79 53.96 -0.92
CA SER C 170 -23.65 53.50 -2.29
C SER C 170 -22.20 53.67 -2.70
N LYS C 171 -21.64 52.65 -3.36
CA LYS C 171 -20.30 52.75 -3.89
C LYS C 171 -20.25 53.76 -5.02
N LYS C 172 -19.28 54.67 -4.98
CA LYS C 172 -19.19 55.75 -5.94
C LYS C 172 -18.57 55.26 -7.25
N SER C 173 -18.84 55.94 -8.36
CA SER C 173 -18.47 55.40 -9.68
C SER C 173 -17.00 55.04 -9.69
N GLN C 174 -16.18 55.77 -8.93
CA GLN C 174 -14.76 55.54 -8.98
C GLN C 174 -14.20 54.56 -7.95
N GLU C 175 -15.06 53.86 -7.21
CA GLU C 175 -14.61 52.91 -6.22
C GLU C 175 -14.77 51.50 -6.71
N ILE C 176 -15.70 51.28 -7.64
CA ILE C 176 -15.94 49.97 -8.21
C ILE C 176 -15.89 50.09 -9.73
N PRO C 177 -15.41 49.02 -10.40
CA PRO C 177 -15.34 48.98 -11.89
C PRO C 177 -16.70 49.24 -12.50
N GLN C 178 -16.72 50.13 -13.47
CA GLN C 178 -17.93 50.52 -14.20
C GLN C 178 -18.01 49.84 -15.57
N GLN C 179 -19.24 49.58 -15.99
CA GLN C 179 -19.54 49.12 -17.34
C GLN C 179 -19.41 50.25 -18.34
N MET C 180 -19.17 49.88 -19.59
CA MET C 180 -19.01 50.83 -20.67
C MET C 180 -19.94 50.56 -21.82
N ASN C 181 -20.65 49.44 -21.77
CA ASN C 181 -21.60 49.06 -22.79
C ASN C 181 -23.03 49.07 -22.24
N GLY C 182 -24.00 48.72 -23.09
CA GLY C 182 -25.40 48.77 -22.69
C GLY C 182 -25.95 47.42 -22.26
N SER C 183 -25.08 46.50 -21.85
CA SER C 183 -25.51 45.10 -21.67
C SER C 183 -25.04 44.36 -20.45
N ASP C 184 -23.92 44.76 -19.88
CA ASP C 184 -23.20 43.96 -18.89
C ASP C 184 -23.57 44.10 -17.42
N ALA C 185 -24.60 44.91 -17.12
CA ALA C 185 -25.01 45.15 -15.72
C ALA C 185 -25.12 43.86 -14.87
N GLY C 186 -25.80 42.86 -15.42
CA GLY C 186 -25.95 41.54 -14.76
C GLY C 186 -24.61 40.92 -14.39
N MET C 187 -23.67 41.02 -15.33
CA MET C 187 -22.39 40.43 -15.16
C MET C 187 -21.61 41.16 -14.09
N PHE C 188 -21.72 42.48 -14.06
CA PHE C 188 -21.12 43.23 -12.93
C PHE C 188 -21.69 42.82 -11.57
N ALA C 189 -23.02 42.71 -11.51
CA ALA C 189 -23.70 42.33 -10.28
C ALA C 189 -23.15 41.01 -9.77
N CYS C 190 -23.02 40.05 -10.69
CA CYS C 190 -22.63 38.70 -10.36
C CYS C 190 -21.18 38.64 -9.94
N LYS C 191 -20.33 39.37 -10.65
CA LYS C 191 -18.91 39.37 -10.33
C LYS C 191 -18.58 40.23 -9.09
N TYR C 192 -19.24 41.39 -8.95
CA TYR C 192 -19.23 42.13 -7.66
C TYR C 192 -19.42 41.12 -6.51
N ALA C 193 -20.56 40.41 -6.54
CA ALA C 193 -20.93 39.42 -5.53
C ALA C 193 -19.90 38.33 -5.31
N ASP C 194 -19.30 37.83 -6.41
CA ASP C 194 -18.27 36.80 -6.36
C ASP C 194 -17.09 37.24 -5.51
N CYS C 195 -16.57 38.42 -5.80
CA CYS C 195 -15.48 38.99 -5.03
C CYS C 195 -15.82 39.18 -3.58
N ILE C 196 -17.00 39.72 -3.37
CA ILE C 196 -17.46 40.07 -2.02
C ILE C 196 -17.62 38.83 -1.15
N THR C 197 -18.17 37.77 -1.72
CA THR C 197 -18.35 36.54 -0.97
C THR C 197 -17.03 35.78 -0.76
N LYS C 198 -15.97 36.18 -1.46
CA LYS C 198 -14.64 35.70 -1.18
C LYS C 198 -13.87 36.62 -0.24
N ASP C 199 -14.45 37.80 0.08
CA ASP C 199 -13.77 38.81 0.89
C ASP C 199 -12.46 39.26 0.24
N ARG C 200 -12.46 39.40 -1.08
CA ARG C 200 -11.29 39.91 -1.81
C ARG C 200 -11.63 41.21 -2.54
N PRO C 201 -10.62 42.07 -2.76
CA PRO C 201 -10.92 43.35 -3.41
C PRO C 201 -11.49 43.13 -4.82
N ILE C 202 -12.36 44.02 -5.26
CA ILE C 202 -12.91 43.92 -6.61
C ILE C 202 -11.81 44.22 -7.61
N ASN C 203 -11.37 43.18 -8.32
CA ASN C 203 -10.10 43.20 -9.05
C ASN C 203 -10.22 43.09 -10.57
N PHE C 204 -11.43 43.30 -11.08
CA PHE C 204 -11.72 43.24 -12.53
C PHE C 204 -12.12 44.58 -13.13
N THR C 205 -12.26 44.58 -14.46
CA THR C 205 -12.73 45.74 -15.23
C THR C 205 -13.62 45.26 -16.38
N GLN C 206 -14.23 46.22 -17.08
CA GLN C 206 -15.06 45.93 -18.22
C GLN C 206 -14.33 45.02 -19.20
N GLN C 207 -13.00 45.10 -19.19
CA GLN C 207 -12.20 44.35 -20.15
C GLN C 207 -12.36 42.84 -20.00
N HIS C 208 -12.61 42.39 -18.77
CA HIS C 208 -12.77 40.96 -18.46
C HIS C 208 -14.17 40.40 -18.77
N MET C 209 -15.10 41.25 -19.19
CA MET C 209 -16.47 40.81 -19.27
C MET C 209 -16.74 39.69 -20.30
N PRO C 210 -16.21 39.80 -21.53
CA PRO C 210 -16.44 38.70 -22.47
C PRO C 210 -15.86 37.36 -21.99
N TYR C 211 -14.72 37.42 -21.31
CA TYR C 211 -14.16 36.24 -20.62
C TYR C 211 -15.07 35.73 -19.48
N PHE C 212 -15.65 36.64 -18.71
CA PHE C 212 -16.55 36.25 -17.63
C PHE C 212 -17.85 35.58 -18.15
N ARG C 213 -18.42 36.13 -19.21
CA ARG C 213 -19.62 35.56 -19.81
C ARG C 213 -19.39 34.12 -20.21
N LYS C 214 -18.37 33.92 -21.03
CA LYS C 214 -18.01 32.59 -21.49
C LYS C 214 -17.76 31.66 -20.29
N ARG C 215 -17.03 32.15 -19.29
CA ARG C 215 -16.65 31.33 -18.15
C ARG C 215 -17.87 30.98 -17.32
N MET C 216 -18.79 31.93 -17.16
CA MET C 216 -19.96 31.62 -16.39
C MET C 216 -20.78 30.51 -17.03
N VAL C 217 -20.89 30.53 -18.36
CA VAL C 217 -21.59 29.47 -19.05
C VAL C 217 -21.07 28.14 -18.52
N TRP C 218 -19.76 28.00 -18.45
CA TRP C 218 -19.16 26.74 -18.04
C TRP C 218 -19.42 26.44 -16.57
N GLU C 219 -19.23 27.43 -15.71
CA GLU C 219 -19.42 27.27 -14.28
C GLU C 219 -20.83 26.80 -13.98
N ILE C 220 -21.79 27.39 -14.70
CA ILE C 220 -23.19 27.06 -14.60
C ILE C 220 -23.47 25.64 -15.08
N LEU C 221 -22.91 25.28 -16.24
CA LEU C 221 -23.07 23.93 -16.75
C LEU C 221 -22.54 22.90 -15.77
N HIS C 222 -21.39 23.17 -15.15
CA HIS C 222 -20.76 22.22 -14.22
C HIS C 222 -21.01 22.55 -12.75
N ARG C 223 -21.84 23.54 -12.49
CA ARG C 223 -22.26 23.90 -11.13
C ARG C 223 -21.06 23.99 -10.18
N LYS C 224 -19.98 24.56 -10.70
CA LYS C 224 -18.75 24.77 -9.97
C LYS C 224 -18.22 26.18 -10.25
N LEU C 225 -17.92 26.94 -9.19
CA LEU C 225 -17.36 28.27 -9.32
C LEU C 225 -15.86 28.15 -9.51
N LEU C 226 -15.26 29.00 -10.34
CA LEU C 226 -13.83 28.81 -10.66
C LEU C 226 -12.89 29.76 -9.90
N GLU D 1 -57.58 16.65 -6.40
CA GLU D 1 -58.81 16.48 -5.59
C GLU D 1 -58.58 16.74 -4.09
N TYR D 2 -57.80 17.77 -3.74
CA TYR D 2 -57.31 17.92 -2.33
C TYR D 2 -57.38 19.32 -1.66
N ILE D 3 -56.60 20.30 -2.15
CA ILE D 3 -56.78 21.71 -1.73
C ILE D 3 -57.02 22.69 -2.86
N LYS D 4 -57.75 23.76 -2.53
CA LYS D 4 -57.92 24.94 -3.37
C LYS D 4 -56.76 25.92 -3.18
N LEU D 5 -56.08 26.24 -4.28
CA LEU D 5 -55.00 27.27 -4.31
C LEU D 5 -55.42 28.49 -5.08
N LYS D 6 -54.88 29.65 -4.71
CA LYS D 6 -55.05 30.87 -5.50
C LYS D 6 -53.78 31.19 -6.28
N VAL D 7 -53.87 31.23 -7.61
CA VAL D 7 -52.76 31.69 -8.40
C VAL D 7 -52.99 33.16 -8.74
N ILE D 8 -52.12 34.00 -8.19
CA ILE D 8 -52.27 35.44 -8.24
C ILE D 8 -51.17 36.07 -9.08
N GLY D 9 -51.58 36.68 -10.17
CA GLY D 9 -50.63 37.38 -11.01
C GLY D 9 -50.15 38.66 -10.36
N GLN D 10 -49.04 39.16 -10.87
CA GLN D 10 -48.38 40.37 -10.42
C GLN D 10 -49.25 41.63 -10.72
N ASP D 11 -50.19 41.47 -11.66
CA ASP D 11 -51.23 42.48 -11.98
C ASP D 11 -52.46 42.36 -11.06
N SER D 12 -52.39 41.49 -10.03
CA SER D 12 -53.44 41.36 -9.00
C SER D 12 -54.60 40.35 -9.33
N SER D 13 -54.61 39.82 -10.55
CA SER D 13 -55.68 38.91 -10.99
C SER D 13 -55.49 37.47 -10.48
N GLU D 14 -56.60 36.83 -10.15
CA GLU D 14 -56.62 35.50 -9.55
C GLU D 14 -57.24 34.46 -10.49
N ILE D 15 -56.69 33.25 -10.47
CA ILE D 15 -57.37 32.06 -11.00
C ILE D 15 -57.21 31.01 -9.89
N HIS D 16 -58.33 30.36 -9.54
CA HIS D 16 -58.33 29.31 -8.51
C HIS D 16 -58.27 27.93 -9.12
N PHE D 17 -57.46 27.08 -8.53
CA PHE D 17 -57.32 25.70 -8.93
C PHE D 17 -57.58 24.79 -7.75
N LYS D 18 -58.19 23.66 -8.04
CA LYS D 18 -58.36 22.58 -7.08
C LYS D 18 -57.31 21.57 -7.50
N VAL D 19 -56.44 21.16 -6.61
CA VAL D 19 -55.37 20.27 -7.06
C VAL D 19 -55.05 19.18 -6.04
N LYS D 20 -54.53 18.07 -6.56
CA LYS D 20 -54.18 16.95 -5.73
C LYS D 20 -52.86 17.21 -5.03
N MET D 21 -52.79 16.83 -3.76
CA MET D 21 -51.64 17.05 -2.88
C MET D 21 -50.34 16.37 -3.35
N THR D 22 -50.44 15.26 -4.06
CA THR D 22 -49.24 14.55 -4.51
C THR D 22 -48.97 14.65 -6.01
N THR D 23 -49.82 15.41 -6.73
CA THR D 23 -49.62 15.67 -8.15
C THR D 23 -48.61 16.79 -8.42
N HIS D 24 -47.72 16.55 -9.40
CA HIS D 24 -46.73 17.53 -9.86
C HIS D 24 -47.38 18.84 -10.31
N LEU D 25 -46.74 19.96 -10.00
CA LEU D 25 -47.33 21.25 -10.29
C LEU D 25 -47.16 21.75 -11.73
N LYS D 26 -46.51 20.91 -12.56
CA LYS D 26 -46.28 21.23 -13.96
C LYS D 26 -47.58 21.57 -14.69
N LYS D 27 -48.55 20.67 -14.63
CA LYS D 27 -49.83 20.85 -15.33
C LYS D 27 -50.56 22.12 -14.89
N LEU D 28 -50.53 22.40 -13.57
CA LEU D 28 -51.05 23.66 -13.04
C LEU D 28 -50.40 24.85 -13.76
N LYS D 29 -49.06 24.87 -13.81
CA LYS D 29 -48.32 25.95 -14.46
C LYS D 29 -48.71 26.12 -15.92
N GLU D 30 -48.75 25.01 -16.66
CA GLU D 30 -49.00 25.01 -18.09
C GLU D 30 -50.43 25.43 -18.41
N SER D 31 -51.35 25.09 -17.51
CA SER D 31 -52.73 25.54 -17.62
C SER D 31 -52.79 27.04 -17.46
N TYR D 32 -52.18 27.58 -16.39
CA TYR D 32 -52.22 29.02 -16.09
C TYR D 32 -51.75 29.86 -17.29
N CYS D 33 -50.52 29.60 -17.72
CA CYS D 33 -49.94 30.29 -18.86
C CYS D 33 -50.70 30.07 -20.18
N GLN D 34 -51.23 28.87 -20.38
CA GLN D 34 -52.04 28.58 -21.54
C GLN D 34 -53.26 29.51 -21.50
N ARG D 35 -53.93 29.54 -20.35
CA ARG D 35 -55.06 30.43 -20.07
C ARG D 35 -54.73 31.92 -20.25
N GLN D 36 -53.48 32.28 -19.98
CA GLN D 36 -53.04 33.67 -20.04
C GLN D 36 -52.60 34.06 -21.45
N GLY D 37 -52.46 33.05 -22.31
CA GLY D 37 -52.00 33.24 -23.68
C GLY D 37 -50.52 33.46 -23.87
N VAL D 38 -49.72 33.34 -22.81
CA VAL D 38 -48.26 33.56 -22.89
C VAL D 38 -47.43 32.26 -22.91
N PRO D 39 -46.14 32.33 -23.31
CA PRO D 39 -45.35 31.11 -23.28
C PRO D 39 -44.89 30.79 -21.86
N MET D 40 -44.63 29.51 -21.64
CA MET D 40 -44.25 29.02 -20.32
C MET D 40 -43.00 29.75 -19.81
N ASN D 41 -41.97 29.79 -20.64
CA ASN D 41 -40.67 30.37 -20.26
C ASN D 41 -40.69 31.84 -19.85
N SER D 42 -41.80 32.55 -20.08
CA SER D 42 -41.90 33.92 -19.65
C SER D 42 -42.32 34.02 -18.20
N LEU D 43 -42.77 32.91 -17.60
CA LEU D 43 -43.35 33.02 -16.25
C LEU D 43 -42.53 32.37 -15.13
N ARG D 44 -42.77 32.80 -13.91
CA ARG D 44 -42.05 32.21 -12.76
C ARG D 44 -43.04 32.06 -11.64
N PHE D 45 -43.27 30.82 -11.22
CA PHE D 45 -44.27 30.56 -10.20
C PHE D 45 -43.62 30.37 -8.86
N LEU D 46 -43.90 31.30 -7.93
CA LEU D 46 -43.35 31.18 -6.58
C LEU D 46 -44.44 30.86 -5.57
N PHE D 47 -44.04 30.12 -4.56
CA PHE D 47 -44.84 29.97 -3.36
C PHE D 47 -44.06 30.53 -2.18
N GLU D 48 -44.48 31.69 -1.70
CA GLU D 48 -43.80 32.36 -0.61
C GLU D 48 -42.30 32.41 -0.91
N GLY D 49 -41.97 32.86 -2.11
CA GLY D 49 -40.56 33.04 -2.47
C GLY D 49 -39.85 31.87 -3.10
N GLN D 50 -40.30 30.65 -2.80
CA GLN D 50 -39.66 29.46 -3.36
C GLN D 50 -40.17 29.16 -4.78
N ARG D 51 -39.23 29.13 -5.71
CA ARG D 51 -39.51 28.83 -7.09
C ARG D 51 -40.08 27.42 -7.21
N ILE D 52 -41.20 27.31 -7.91
CA ILE D 52 -41.89 26.02 -8.11
C ILE D 52 -41.47 25.31 -9.40
N ALA D 53 -40.74 24.22 -9.21
CA ALA D 53 -40.27 23.35 -10.29
C ALA D 53 -41.43 22.51 -10.80
N ASP D 54 -41.27 21.97 -12.00
CA ASP D 54 -42.29 21.09 -12.56
C ASP D 54 -42.55 19.86 -11.70
N ASN D 55 -41.54 19.41 -10.94
CA ASN D 55 -41.75 18.20 -10.14
C ASN D 55 -42.14 18.43 -8.67
N HIS D 56 -42.27 19.70 -8.28
CA HIS D 56 -42.79 20.04 -6.96
C HIS D 56 -44.26 19.60 -6.76
N THR D 57 -44.59 19.22 -5.53
CA THR D 57 -45.95 18.90 -5.16
C THR D 57 -46.38 19.80 -4.01
N PRO D 58 -47.68 20.10 -3.92
CA PRO D 58 -48.22 20.75 -2.72
C PRO D 58 -47.74 20.13 -1.41
N LYS D 59 -47.70 18.79 -1.30
CA LYS D 59 -47.22 18.19 -0.04
C LYS D 59 -45.78 18.56 0.23
N GLU D 60 -44.94 18.45 -0.79
CA GLU D 60 -43.54 18.80 -0.69
C GLU D 60 -43.33 20.24 -0.22
N LEU D 61 -44.19 21.14 -0.68
CA LEU D 61 -44.02 22.54 -0.37
C LEU D 61 -44.71 22.91 0.94
N GLY D 62 -45.46 21.99 1.52
CA GLY D 62 -46.25 22.28 2.72
C GLY D 62 -47.31 23.34 2.51
N MET D 63 -48.13 23.18 1.47
CA MET D 63 -49.18 24.13 1.15
C MET D 63 -50.48 23.76 1.81
N GLU D 64 -51.27 24.76 2.18
CA GLU D 64 -52.56 24.47 2.78
C GLU D 64 -53.73 25.03 1.96
N GLU D 65 -54.93 24.55 2.27
CA GLU D 65 -56.14 25.15 1.72
C GLU D 65 -55.92 26.65 1.66
N GLU D 66 -56.39 27.27 0.56
CA GLU D 66 -56.40 28.74 0.37
C GLU D 66 -55.05 29.42 0.19
N ASP D 67 -53.96 28.64 0.13
CA ASP D 67 -52.64 29.20 -0.06
C ASP D 67 -52.54 29.89 -1.43
N VAL D 68 -51.48 30.66 -1.60
CA VAL D 68 -51.30 31.53 -2.76
C VAL D 68 -50.06 31.11 -3.57
N ILE D 69 -50.21 31.04 -4.89
CA ILE D 69 -49.11 30.89 -5.81
C ILE D 69 -48.98 32.19 -6.62
N GLU D 70 -47.86 32.89 -6.41
CA GLU D 70 -47.56 34.12 -7.13
C GLU D 70 -46.89 33.85 -8.49
N VAL D 71 -47.34 34.64 -9.46
CA VAL D 71 -46.77 34.61 -10.81
C VAL D 71 -45.94 35.85 -11.08
N TYR D 72 -44.69 35.63 -11.49
CA TYR D 72 -43.77 36.71 -11.84
C TYR D 72 -43.38 36.56 -13.31
N GLN D 73 -43.21 37.69 -13.99
CA GLN D 73 -42.53 37.72 -15.28
C GLN D 73 -41.01 37.56 -15.19
N GLU D 74 -40.42 37.19 -16.32
CA GLU D 74 -38.99 37.24 -16.55
C GLU D 74 -38.46 38.68 -16.34
N GLN D 75 -37.27 38.77 -15.76
CA GLN D 75 -36.62 40.04 -15.64
C GLN D 75 -35.37 40.01 -16.47
N THR D 76 -35.16 41.05 -17.29
CA THR D 76 -33.91 41.22 -18.03
C THR D 76 -33.33 42.60 -17.72
N GLY D 77 -32.05 42.79 -17.98
CA GLY D 77 -31.43 44.10 -17.83
C GLY D 77 -30.05 44.20 -18.43
N GLY D 78 -29.63 45.43 -18.75
CA GLY D 78 -28.28 45.67 -19.26
C GLY D 78 -27.58 46.96 -18.85
N HIS D 79 -28.34 48.04 -18.69
CA HIS D 79 -27.80 49.35 -18.34
C HIS D 79 -28.91 50.25 -17.82
N SER D 80 -28.55 51.35 -17.14
CA SER D 80 -29.55 52.32 -16.73
C SER D 80 -29.55 53.49 -17.72
N THR D 81 -30.74 54.04 -17.99
CA THR D 81 -30.84 55.28 -18.77
C THR D 81 -31.05 56.48 -17.86
N VAL D 82 -30.44 57.59 -18.27
CA VAL D 82 -30.42 58.84 -17.50
C VAL D 82 -31.77 59.52 -17.57
N CYS D 83 -32.30 59.81 -16.39
CA CYS D 83 -33.58 60.52 -16.20
C CYS D 83 -34.52 59.78 -15.20
#